data_9CIQ
#
_entry.id   9CIQ
#
_cell.length_a   99.478
_cell.length_b   99.478
_cell.length_c   81.218
_cell.angle_alpha   90.00
_cell.angle_beta   90.00
_cell.angle_gamma   120.00
#
_symmetry.space_group_name_H-M   'P 61'
#
loop_
_entity.id
_entity.type
_entity.pdbx_description
1 polymer 'DNA polymerase eta'
2 polymer "DNA (5'-D(*CP*AP*TP*AP*AP*TP*GP*AP*CP*GP*CP*T)-3')"
3 polymer "DNA (5'-D(*AP*GP*CP*GP*TP*CP*AP*T)-3')"
4 non-polymer '[(3~{S},4~{R},5~{R})-5-[5-methyl-2,4-bis(oxidanylidene)pyrimidin-1-yl]-4-oxidanyl-oxolan-3-yl] [oxidanyl(phosphonooxy)phosphoryl] hydrogen phosphate'
5 non-polymer DI(HYDROXYETHYL)ETHER
6 non-polymer 'CALCIUM ION'
7 water water
#
loop_
_entity_poly.entity_id
_entity_poly.type
_entity_poly.pdbx_seq_one_letter_code
_entity_poly.pdbx_strand_id
1 'polypeptide(L)'
;GPHMATGQDRVVALVDMDCFFVQVEQRQNPHLRNKPCAVVQYKSWKGGGIIAVSYEARAFGVTRSMWADDAKKLCPDLLL
AQVRESRGKANLTKYREASVEVMEIMSRFAVIERASIDEAYVDLTSAVQERLQKLQGQPISADLLPSTYIEGLPQGPTTA
EETVQKEGMRKQGLFQWLDSLQIDNLTSPDLQLTVGAVIVEEMRAAIERETGFQCSAGISHNKVLAKLACGLNKPNRQTL
VSHGSVPQLFSQMPIRKIRSLGGKLGASVIEILGIEYMGELTQFTESQLQSHFGEKNGSWLYAMCRGIEHDPVKPRQLPK
TIGCSKNFPGKTALATREQVQWWLLQLAQELEERLTKDRNDNDRVATQLVVSIRVQGDKRLSSLRRCCALTRYDAHKMSH
DAFTVIKNCNTSGIQTEWSPPLTMLFLCATKFSAS
;
A
2 'polydeoxyribonucleotide' (DC)(DA)(DT)(DA)(DA)(DT)(DG)(DA)(DC)(DG)(DC)(DT) T
3 'polydeoxyribonucleotide' (DA)(DG)(DC)(DG)(DT)(DC)(DA)(DT) P
#
# COMPACT_ATOMS: atom_id res chain seq x y z
N MET A 4 0.06 -5.04 -33.60
CA MET A 4 -0.90 -5.27 -32.51
C MET A 4 -0.20 -5.65 -31.19
N ALA A 5 0.09 -4.65 -30.35
CA ALA A 5 0.79 -4.86 -29.08
C ALA A 5 -0.21 -5.15 -27.96
N THR A 6 0.19 -6.07 -27.05
CA THR A 6 -0.75 -6.65 -26.10
C THR A 6 -0.25 -6.68 -24.66
N GLY A 7 0.70 -5.83 -24.31
CA GLY A 7 1.10 -5.63 -22.92
C GLY A 7 1.42 -6.89 -22.13
N GLN A 8 2.24 -7.77 -22.72
CA GLN A 8 2.72 -8.96 -22.04
C GLN A 8 4.23 -9.00 -22.04
N ASP A 9 4.85 -7.84 -22.25
CA ASP A 9 6.30 -7.74 -22.17
C ASP A 9 6.78 -8.12 -20.78
N ARG A 10 6.22 -7.50 -19.76
CA ARG A 10 6.78 -7.61 -18.43
C ARG A 10 6.11 -8.71 -17.65
N VAL A 11 6.77 -9.12 -16.58
CA VAL A 11 6.17 -9.86 -15.49
C VAL A 11 6.31 -9.03 -14.23
N VAL A 12 5.19 -8.75 -13.57
CA VAL A 12 5.17 -7.87 -12.41
C VAL A 12 4.31 -8.51 -11.34
N ALA A 13 4.72 -8.33 -10.07
CA ALA A 13 4.04 -8.86 -8.89
C ALA A 13 3.80 -7.75 -7.88
N LEU A 14 2.67 -7.80 -7.21
CA LEU A 14 2.40 -6.94 -6.06
C LEU A 14 2.32 -7.82 -4.82
N VAL A 15 3.29 -7.68 -3.92
CA VAL A 15 3.23 -8.39 -2.64
C VAL A 15 2.55 -7.52 -1.60
N ASP A 16 1.65 -8.11 -0.83
CA ASP A 16 0.87 -7.42 0.19
C ASP A 16 0.91 -8.27 1.44
N MET A 17 1.52 -7.74 2.50
CA MET A 17 1.50 -8.45 3.79
C MET A 17 0.09 -8.47 4.35
N ASP A 18 -0.31 -9.63 4.88
CA ASP A 18 -1.65 -9.79 5.40
C ASP A 18 -1.74 -9.26 6.81
N CYS A 19 -2.82 -8.51 7.08
CA CYS A 19 -3.04 -7.81 8.34
C CYS A 19 -1.71 -7.53 9.05
N PHE A 20 -0.96 -6.59 8.49
CA PHE A 20 0.46 -6.52 8.78
C PHE A 20 0.71 -6.21 10.23
N PHE A 21 0.20 -5.06 10.71
CA PHE A 21 0.41 -4.68 12.09
C PHE A 21 -0.03 -5.80 13.03
N VAL A 22 -1.16 -6.44 12.72
CA VAL A 22 -1.62 -7.57 13.54
C VAL A 22 -0.60 -8.71 13.51
N GLN A 23 -0.08 -9.04 12.33
CA GLN A 23 0.96 -10.05 12.28
C GLN A 23 2.20 -9.62 13.06
N VAL A 24 2.51 -8.32 13.05
CA VAL A 24 3.71 -7.84 13.74
C VAL A 24 3.56 -8.02 15.24
N GLU A 25 2.40 -7.59 15.78
CA GLU A 25 2.11 -7.74 17.20
C GLU A 25 2.05 -9.21 17.61
N GLN A 26 1.44 -10.06 16.77
CA GLN A 26 1.24 -11.46 17.12
C GLN A 26 2.55 -12.23 17.17
N ARG A 27 3.53 -11.83 16.35
CA ARG A 27 4.87 -12.40 16.48
C ARG A 27 5.51 -11.98 17.81
N GLN A 28 5.20 -10.78 18.30
CA GLN A 28 5.76 -10.28 19.53
C GLN A 28 5.05 -10.81 20.77
N ASN A 29 3.80 -11.24 20.62
CA ASN A 29 2.92 -11.54 21.75
C ASN A 29 2.13 -12.76 21.33
N PRO A 30 2.58 -13.95 21.71
CA PRO A 30 1.90 -15.17 21.25
C PRO A 30 0.48 -15.30 21.72
N HIS A 31 0.09 -14.61 22.79
CA HIS A 31 -1.30 -14.65 23.24
C HIS A 31 -2.25 -14.12 22.17
N LEU A 32 -1.77 -13.19 21.35
CA LEU A 32 -2.59 -12.60 20.32
C LEU A 32 -2.81 -13.53 19.11
N ARG A 33 -2.13 -14.68 19.04
CA ARG A 33 -2.24 -15.52 17.87
C ARG A 33 -3.51 -16.36 17.89
N ASN A 34 -4.05 -16.62 16.69
CA ASN A 34 -5.23 -17.45 16.54
C ASN A 34 -6.37 -16.92 17.37
N LYS A 35 -6.49 -15.60 17.44
CA LYS A 35 -7.48 -14.96 18.30
C LYS A 35 -8.03 -13.72 17.62
N PRO A 36 -9.26 -13.35 17.91
CA PRO A 36 -9.78 -12.09 17.39
C PRO A 36 -9.11 -10.93 18.11
N CYS A 37 -8.30 -10.18 17.38
CA CYS A 37 -7.59 -9.06 17.97
CA CYS A 37 -7.55 -9.07 17.95
C CYS A 37 -7.48 -7.93 16.95
N ALA A 38 -6.98 -6.80 17.40
CA ALA A 38 -6.88 -5.63 16.55
C ALA A 38 -5.83 -4.70 17.11
N VAL A 39 -5.25 -3.92 16.27
CA VAL A 39 -4.34 -2.88 16.73
C VAL A 39 -5.12 -1.59 16.89
N VAL A 40 -4.79 -0.84 17.93
CA VAL A 40 -5.50 0.39 18.25
C VAL A 40 -4.48 1.45 18.62
N GLN A 41 -4.77 2.69 18.25
CA GLN A 41 -3.97 3.86 18.67
C GLN A 41 -4.89 4.86 19.37
N TYR A 42 -4.33 5.53 20.39
CA TYR A 42 -4.97 6.56 21.21
C TYR A 42 -6.19 6.06 21.97
N LYS A 43 -5.99 5.61 23.21
N LYS A 43 -5.99 5.61 23.21
CA LYS A 43 -7.06 5.01 23.99
CA LYS A 43 -7.06 5.01 23.99
C LYS A 43 -8.13 6.01 24.42
C LYS A 43 -8.13 6.01 24.42
N SER A 44 -7.83 7.32 24.43
CA SER A 44 -8.73 8.31 25.01
C SER A 44 -10.12 8.28 24.40
N TRP A 45 -10.21 8.59 23.11
CA TRP A 45 -11.51 8.80 22.47
C TRP A 45 -12.12 7.46 22.09
N LYS A 46 -13.20 7.08 22.78
CA LYS A 46 -13.96 5.87 22.48
C LYS A 46 -13.09 4.62 22.47
N GLY A 47 -12.04 4.59 23.29
CA GLY A 47 -11.16 3.45 23.37
C GLY A 47 -10.02 3.46 22.39
N GLY A 48 -10.08 4.27 21.35
CA GLY A 48 -9.07 4.25 20.30
C GLY A 48 -9.66 3.89 18.92
N GLY A 49 -9.00 4.38 17.88
CA GLY A 49 -9.36 4.03 16.51
C GLY A 49 -8.61 2.80 16.04
N ILE A 50 -9.35 1.81 15.55
CA ILE A 50 -8.78 0.53 15.15
C ILE A 50 -8.09 0.67 13.80
N ILE A 51 -6.82 0.28 13.73
CA ILE A 51 -6.06 0.46 12.50
C ILE A 51 -5.69 -0.84 11.84
N ALA A 52 -5.97 -1.99 12.45
CA ALA A 52 -5.76 -3.28 11.79
C ALA A 52 -6.61 -4.29 12.52
N VAL A 53 -6.99 -5.35 11.79
CA VAL A 53 -7.95 -6.32 12.29
C VAL A 53 -7.50 -7.71 11.84
N SER A 54 -7.20 -8.59 12.79
CA SER A 54 -6.94 -9.98 12.46
C SER A 54 -8.18 -10.59 11.81
N TYR A 55 -7.96 -11.67 11.05
CA TYR A 55 -9.07 -12.25 10.29
C TYR A 55 -10.12 -12.85 11.21
N GLU A 56 -9.70 -13.39 12.35
CA GLU A 56 -10.65 -13.87 13.34
C GLU A 56 -11.63 -12.77 13.76
N ALA A 57 -11.14 -11.54 13.96
CA ALA A 57 -12.01 -10.43 14.39
C ALA A 57 -12.84 -9.86 13.24
N ARG A 58 -12.30 -9.86 12.03
CA ARG A 58 -13.09 -9.49 10.87
C ARG A 58 -14.36 -10.33 10.79
N ALA A 59 -14.25 -11.62 11.11
CA ALA A 59 -15.39 -12.52 11.05
C ALA A 59 -16.56 -12.09 11.92
N PHE A 60 -16.34 -11.16 12.85
CA PHE A 60 -17.41 -10.58 13.65
C PHE A 60 -17.97 -9.30 13.06
N GLY A 61 -17.27 -8.71 12.09
CA GLY A 61 -17.66 -7.43 11.53
C GLY A 61 -16.75 -6.27 11.86
N VAL A 62 -15.59 -6.50 12.46
CA VAL A 62 -14.72 -5.42 12.91
C VAL A 62 -13.90 -4.89 11.74
N THR A 63 -13.83 -3.56 11.62
CA THR A 63 -13.15 -2.92 10.51
C THR A 63 -12.19 -1.85 11.01
N ARG A 64 -11.33 -1.42 10.10
CA ARG A 64 -10.38 -0.34 10.31
C ARG A 64 -11.11 0.98 10.54
N SER A 65 -10.40 1.94 11.16
CA SER A 65 -10.92 3.27 11.47
C SER A 65 -12.04 3.24 12.51
N MET A 66 -12.69 2.07 12.65
CA MET A 66 -13.76 1.89 13.63
C MET A 66 -13.23 2.05 15.06
N TRP A 67 -14.04 2.63 15.94
CA TRP A 67 -13.62 2.89 17.32
C TRP A 67 -13.57 1.61 18.12
N ALA A 68 -12.59 1.50 19.03
CA ALA A 68 -12.40 0.24 19.74
C ALA A 68 -13.59 -0.08 20.63
N ASP A 69 -14.19 0.94 21.26
CA ASP A 69 -15.33 0.69 22.13
C ASP A 69 -16.55 0.23 21.35
N ASP A 70 -16.72 0.75 20.13
CA ASP A 70 -17.77 0.23 19.26
C ASP A 70 -17.45 -1.19 18.81
N ALA A 71 -16.20 -1.46 18.44
CA ALA A 71 -15.88 -2.78 17.93
C ALA A 71 -15.92 -3.85 19.01
N LYS A 72 -15.72 -3.49 20.28
CA LYS A 72 -15.92 -4.45 21.36
C LYS A 72 -17.40 -4.77 21.56
N LYS A 73 -18.31 -3.96 21.00
CA LYS A 73 -19.71 -4.37 20.90
C LYS A 73 -19.88 -5.50 19.88
N LEU A 74 -19.28 -5.36 18.70
CA LEU A 74 -19.35 -6.42 17.71
C LEU A 74 -18.61 -7.67 18.20
N CYS A 75 -17.41 -7.49 18.77
CA CYS A 75 -16.65 -8.63 19.31
C CYS A 75 -16.16 -8.35 20.73
N PRO A 76 -16.81 -8.93 21.74
CA PRO A 76 -16.39 -8.68 23.12
C PRO A 76 -15.12 -9.41 23.53
N ASP A 77 -14.75 -10.49 22.85
CA ASP A 77 -13.53 -11.21 23.12
C ASP A 77 -12.32 -10.62 22.41
N LEU A 78 -12.48 -9.42 21.84
CA LEU A 78 -11.45 -8.80 21.02
C LEU A 78 -10.27 -8.41 21.88
N LEU A 79 -9.10 -8.98 21.60
CA LEU A 79 -7.88 -8.52 22.24
C LEU A 79 -7.35 -7.30 21.49
N LEU A 80 -6.59 -6.47 22.21
CA LEU A 80 -6.18 -5.16 21.71
C LEU A 80 -4.72 -4.90 22.03
N ALA A 81 -3.90 -4.89 20.98
CA ALA A 81 -2.55 -4.37 21.04
C ALA A 81 -2.61 -2.88 20.79
N GLN A 82 -2.24 -2.10 21.80
CA GLN A 82 -2.11 -0.66 21.65
C GLN A 82 -0.85 -0.32 20.86
N VAL A 83 -0.96 0.66 19.98
CA VAL A 83 0.22 1.17 19.32
C VAL A 83 1.01 1.98 20.32
N ARG A 84 2.32 2.02 20.16
CA ARG A 84 3.16 2.66 21.15
C ARG A 84 3.20 4.15 20.87
N GLU A 85 3.10 4.93 21.94
CA GLU A 85 3.00 6.36 21.85
C GLU A 85 4.34 6.96 22.22
N SER A 86 4.74 7.97 21.48
CA SER A 86 6.04 8.54 21.75
C SER A 86 5.93 10.04 21.56
N ARG A 87 6.34 10.79 22.57
CA ARG A 87 6.19 12.23 22.57
C ARG A 87 4.76 12.64 22.22
N GLY A 88 3.78 11.93 22.78
CA GLY A 88 2.38 12.28 22.57
C GLY A 88 1.79 11.91 21.22
N LYS A 89 2.54 11.22 20.37
CA LYS A 89 2.08 10.85 19.04
C LYS A 89 2.23 9.34 18.86
N ALA A 90 1.32 8.76 18.06
CA ALA A 90 1.41 7.34 17.75
C ALA A 90 2.67 7.04 16.97
N ASN A 91 3.40 6.00 17.39
CA ASN A 91 4.76 5.76 16.91
C ASN A 91 4.83 4.37 16.32
N LEU A 92 4.99 4.32 15.00
CA LEU A 92 4.92 3.09 14.23
C LEU A 92 6.32 2.55 13.88
N THR A 93 7.33 2.88 14.67
CA THR A 93 8.67 2.44 14.34
C THR A 93 8.74 0.93 14.23
N LYS A 94 8.08 0.23 15.15
CA LYS A 94 8.05 -1.23 15.16
C LYS A 94 7.67 -1.79 13.79
N TYR A 95 6.71 -1.15 13.13
CA TYR A 95 6.24 -1.68 11.86
C TYR A 95 7.19 -1.34 10.73
N ARG A 96 7.71 -0.10 10.72
CA ARG A 96 8.66 0.30 9.69
C ARG A 96 9.89 -0.59 9.72
N GLU A 97 10.34 -0.93 10.94
CA GLU A 97 11.38 -1.92 11.10
C GLU A 97 10.93 -3.27 10.57
N ALA A 98 9.71 -3.69 10.94
CA ALA A 98 9.21 -4.97 10.45
C ALA A 98 9.15 -4.98 8.93
N SER A 99 8.68 -3.88 8.33
CA SER A 99 8.62 -3.75 6.88
C SER A 99 10.01 -3.87 6.26
N VAL A 100 11.01 -3.25 6.88
CA VAL A 100 12.33 -3.28 6.26
C VAL A 100 12.88 -4.69 6.25
N GLU A 101 12.52 -5.51 7.24
CA GLU A 101 12.88 -6.93 7.24
C GLU A 101 12.43 -7.61 5.96
N VAL A 102 11.18 -7.38 5.58
CA VAL A 102 10.58 -8.05 4.44
C VAL A 102 11.13 -7.49 3.13
N MET A 103 11.23 -6.16 3.00
CA MET A 103 11.78 -5.57 1.79
C MET A 103 13.19 -6.05 1.52
N GLU A 104 13.91 -6.43 2.57
CA GLU A 104 15.26 -6.94 2.36
C GLU A 104 15.21 -8.29 1.68
N ILE A 105 14.45 -9.22 2.24
CA ILE A 105 14.27 -10.53 1.63
C ILE A 105 13.83 -10.39 0.18
N MET A 106 12.80 -9.57 -0.06
CA MET A 106 12.35 -9.34 -1.43
C MET A 106 13.44 -8.74 -2.30
N SER A 107 14.28 -7.88 -1.74
CA SER A 107 15.34 -7.28 -2.54
C SER A 107 16.29 -8.33 -3.12
N ARG A 108 16.37 -9.49 -2.49
CA ARG A 108 17.25 -10.55 -2.99
C ARG A 108 16.75 -11.08 -4.33
N PHE A 109 15.45 -11.36 -4.42
CA PHE A 109 14.93 -12.11 -5.56
C PHE A 109 14.84 -11.27 -6.82
N ALA A 110 14.70 -9.95 -6.69
CA ALA A 110 14.64 -9.07 -7.85
C ALA A 110 14.61 -7.61 -7.43
N VAL A 111 14.04 -6.76 -8.29
CA VAL A 111 14.19 -5.32 -8.21
C VAL A 111 12.83 -4.72 -7.88
N ILE A 112 12.69 -4.21 -6.65
CA ILE A 112 11.36 -3.95 -6.11
C ILE A 112 11.11 -2.45 -6.02
N GLU A 113 9.83 -2.11 -5.94
CA GLU A 113 9.33 -0.76 -5.69
C GLU A 113 8.48 -0.78 -4.42
N ARG A 114 8.98 -0.15 -3.36
CA ARG A 114 8.19 0.03 -2.15
C ARG A 114 6.93 0.83 -2.48
N ALA A 115 5.78 0.17 -2.45
CA ALA A 115 4.52 0.86 -2.65
C ALA A 115 4.07 1.55 -1.36
N SER A 116 4.11 0.83 -0.26
CA SER A 116 3.66 1.29 1.04
C SER A 116 4.48 0.56 2.10
N ILE A 117 4.11 0.74 3.37
CA ILE A 117 4.77 -0.03 4.42
C ILE A 117 4.57 -1.52 4.21
N ASP A 118 3.50 -1.87 3.53
CA ASP A 118 2.88 -3.19 3.42
C ASP A 118 3.12 -3.84 2.05
N GLU A 119 3.54 -3.08 1.03
CA GLU A 119 3.44 -3.57 -0.34
C GLU A 119 4.70 -3.29 -1.14
N ALA A 120 5.05 -4.23 -2.02
CA ALA A 120 6.11 -4.05 -2.99
C ALA A 120 5.63 -4.48 -4.36
N TYR A 121 5.99 -3.71 -5.38
CA TYR A 121 5.97 -4.27 -6.73
C TYR A 121 7.33 -4.87 -7.06
N VAL A 122 7.31 -5.85 -7.94
CA VAL A 122 8.49 -6.61 -8.29
C VAL A 122 8.45 -6.78 -9.80
N ASP A 123 9.49 -6.33 -10.48
CA ASP A 123 9.65 -6.62 -11.88
C ASP A 123 10.46 -7.89 -12.03
N LEU A 124 9.79 -8.99 -12.40
CA LEU A 124 10.38 -10.31 -12.45
C LEU A 124 10.80 -10.73 -13.86
N THR A 125 10.73 -9.82 -14.83
CA THR A 125 10.92 -10.19 -16.22
C THR A 125 12.29 -10.81 -16.47
N SER A 126 13.35 -10.05 -16.16
CA SER A 126 14.70 -10.60 -16.35
C SER A 126 14.93 -11.83 -15.50
N ALA A 127 14.32 -11.90 -14.31
CA ALA A 127 14.54 -13.06 -13.45
C ALA A 127 13.87 -14.32 -14.02
N VAL A 128 12.75 -14.16 -14.71
CA VAL A 128 12.06 -15.31 -15.28
C VAL A 128 12.80 -15.84 -16.50
N GLN A 129 13.39 -14.94 -17.28
CA GLN A 129 14.26 -15.39 -18.38
C GLN A 129 15.44 -16.19 -17.83
N GLU A 130 15.99 -15.78 -16.69
CA GLU A 130 17.12 -16.48 -16.13
C GLU A 130 16.76 -17.90 -15.72
N ARG A 131 15.55 -18.11 -15.21
CA ARG A 131 15.20 -19.42 -14.68
C ARG A 131 14.74 -20.40 -15.77
N LEU A 132 14.28 -19.89 -16.92
CA LEU A 132 13.76 -20.74 -17.98
C LEU A 132 14.85 -21.66 -18.55
N GLN A 133 15.98 -21.06 -18.95
CA GLN A 133 17.11 -21.85 -19.43
C GLN A 133 17.68 -22.74 -18.34
N LYS A 134 17.44 -22.42 -17.07
CA LYS A 134 17.91 -23.22 -15.95
C LYS A 134 16.91 -24.29 -15.54
N LEU A 135 16.03 -24.70 -16.47
CA LEU A 135 15.16 -25.87 -16.26
C LEU A 135 15.18 -26.83 -17.44
N GLN A 136 16.02 -26.60 -18.45
CA GLN A 136 16.09 -27.47 -19.63
C GLN A 136 14.73 -27.60 -20.32
N GLY A 137 13.92 -26.55 -20.25
CA GLY A 137 12.58 -26.58 -20.83
C GLY A 137 11.76 -27.78 -20.40
N GLN A 138 11.93 -28.25 -19.17
CA GLN A 138 11.14 -29.32 -18.59
C GLN A 138 9.92 -28.74 -17.85
N PRO A 139 8.88 -29.57 -17.54
CA PRO A 139 7.59 -29.00 -17.17
C PRO A 139 7.59 -28.32 -15.82
N ILE A 140 6.40 -27.94 -15.38
CA ILE A 140 6.22 -27.18 -14.15
C ILE A 140 5.26 -27.97 -13.29
N SER A 141 5.77 -28.52 -12.19
CA SER A 141 4.97 -29.36 -11.32
C SER A 141 4.03 -28.53 -10.46
N ALA A 142 2.80 -29.04 -10.30
CA ALA A 142 1.85 -28.39 -9.39
C ALA A 142 2.49 -28.14 -8.04
N ASP A 143 3.30 -29.09 -7.58
CA ASP A 143 3.92 -28.95 -6.28
C ASP A 143 4.77 -27.70 -6.18
N LEU A 144 5.16 -27.11 -7.32
CA LEU A 144 5.92 -25.88 -7.27
C LEU A 144 5.07 -24.65 -6.99
N LEU A 145 3.75 -24.81 -6.89
CA LEU A 145 2.81 -23.71 -6.76
C LEU A 145 1.72 -24.03 -5.73
N PRO A 146 2.10 -24.31 -4.48
CA PRO A 146 1.13 -24.83 -3.52
C PRO A 146 0.13 -23.80 -3.00
N SER A 147 0.24 -22.52 -3.39
CA SER A 147 -0.69 -21.52 -2.89
C SER A 147 -1.13 -20.58 -4.00
N THR A 148 -0.92 -20.96 -5.25
CA THR A 148 -1.29 -20.18 -6.42
C THR A 148 -2.69 -20.50 -6.93
N TYR A 149 -3.43 -19.46 -7.31
CA TYR A 149 -4.70 -19.58 -8.02
C TYR A 149 -4.55 -19.02 -9.42
N ILE A 150 -5.35 -19.55 -10.35
CA ILE A 150 -5.32 -19.14 -11.75
C ILE A 150 -6.67 -18.52 -12.05
N GLU A 151 -6.71 -17.20 -12.17
CA GLU A 151 -7.99 -16.53 -12.39
C GLU A 151 -8.67 -17.08 -13.64
N GLY A 152 -9.94 -17.44 -13.51
CA GLY A 152 -10.70 -17.87 -14.67
C GLY A 152 -10.98 -19.35 -14.71
N LEU A 153 -10.01 -20.12 -14.34
CA LEU A 153 -9.96 -21.56 -14.18
C LEU A 153 -10.36 -21.94 -12.75
N PRO A 154 -11.05 -23.05 -12.53
CA PRO A 154 -11.42 -24.10 -13.49
C PRO A 154 -12.59 -23.68 -14.35
N GLN A 155 -12.65 -24.15 -15.59
CA GLN A 155 -13.75 -23.88 -16.51
C GLN A 155 -14.40 -25.18 -16.96
N GLY A 156 -15.58 -25.04 -17.55
CA GLY A 156 -16.30 -26.15 -18.15
C GLY A 156 -16.67 -27.23 -17.17
N PRO A 157 -16.73 -28.48 -17.67
CA PRO A 157 -16.99 -29.70 -16.90
C PRO A 157 -15.82 -30.13 -16.01
N THR A 163 -17.47 -30.61 -7.49
CA THR A 163 -16.31 -30.29 -6.66
C THR A 163 -16.65 -29.22 -5.61
N VAL A 164 -16.55 -29.60 -4.33
CA VAL A 164 -17.07 -28.78 -3.24
C VAL A 164 -15.97 -28.23 -2.33
N GLN A 165 -14.73 -28.71 -2.46
CA GLN A 165 -13.64 -28.36 -1.56
C GLN A 165 -12.84 -27.20 -2.14
N LYS A 166 -12.69 -26.14 -1.34
CA LYS A 166 -12.06 -24.91 -1.83
C LYS A 166 -10.67 -25.18 -2.39
N GLU A 167 -9.84 -25.96 -1.69
CA GLU A 167 -8.55 -26.32 -2.25
C GLU A 167 -8.68 -27.25 -3.43
N GLY A 168 -9.74 -28.05 -3.47
CA GLY A 168 -9.95 -28.91 -4.62
C GLY A 168 -10.21 -28.10 -5.88
N MET A 169 -10.94 -26.99 -5.74
CA MET A 169 -11.10 -26.08 -6.87
C MET A 169 -9.75 -25.55 -7.33
N ARG A 170 -8.86 -25.25 -6.38
CA ARG A 170 -7.56 -24.67 -6.72
C ARG A 170 -6.73 -25.60 -7.59
N LYS A 171 -6.67 -26.88 -7.21
CA LYS A 171 -5.87 -27.82 -8.00
C LYS A 171 -6.40 -27.91 -9.43
N GLN A 172 -7.72 -28.06 -9.57
CA GLN A 172 -8.32 -28.17 -10.89
C GLN A 172 -7.90 -27.00 -11.77
N GLY A 173 -8.02 -25.78 -11.23
CA GLY A 173 -7.64 -24.60 -11.98
C GLY A 173 -6.17 -24.55 -12.28
N LEU A 174 -5.34 -25.04 -11.36
CA LEU A 174 -3.92 -25.04 -11.65
C LEU A 174 -3.57 -26.17 -12.59
N PHE A 175 -4.28 -27.29 -12.44
CA PHE A 175 -4.04 -28.41 -13.34
C PHE A 175 -4.46 -28.07 -14.76
N GLN A 176 -5.63 -27.43 -14.92
CA GLN A 176 -6.01 -26.97 -16.25
C GLN A 176 -4.95 -26.06 -16.83
N TRP A 177 -4.37 -25.21 -16.00
CA TRP A 177 -3.38 -24.26 -16.49
C TRP A 177 -2.09 -24.97 -16.88
N LEU A 178 -1.51 -25.75 -15.96
CA LEU A 178 -0.29 -26.47 -16.26
C LEU A 178 -0.44 -27.40 -17.46
N ASP A 179 -1.65 -27.95 -17.67
CA ASP A 179 -1.84 -28.82 -18.82
C ASP A 179 -1.80 -28.02 -20.11
N SER A 180 -2.57 -26.94 -20.20
CA SER A 180 -2.62 -26.13 -21.41
C SER A 180 -1.28 -25.49 -21.77
N LEU A 181 -0.22 -25.82 -21.04
CA LEU A 181 0.97 -24.98 -21.05
C LEU A 181 1.89 -25.31 -22.22
N GLN A 182 2.44 -24.25 -22.82
CA GLN A 182 3.30 -24.35 -24.00
C GLN A 182 4.78 -24.18 -23.60
N ILE A 183 5.30 -25.16 -22.85
CA ILE A 183 6.62 -25.03 -22.23
C ILE A 183 7.78 -25.23 -23.18
N ASP A 184 7.53 -25.64 -24.44
CA ASP A 184 8.61 -25.67 -25.42
C ASP A 184 8.90 -24.27 -25.97
N ASN A 185 7.87 -23.40 -25.97
CA ASN A 185 7.95 -22.03 -26.49
C ASN A 185 8.39 -21.15 -25.33
N LEU A 186 9.72 -20.95 -25.21
CA LEU A 186 10.31 -20.27 -24.06
C LEU A 186 10.03 -18.78 -24.04
N THR A 187 9.21 -18.29 -24.99
CA THR A 187 8.78 -16.90 -25.01
C THR A 187 7.26 -16.75 -24.86
N SER A 188 6.56 -17.84 -24.53
CA SER A 188 5.12 -17.77 -24.31
C SER A 188 4.82 -16.88 -23.11
N PRO A 189 4.04 -15.80 -23.26
CA PRO A 189 3.72 -14.96 -22.10
C PRO A 189 3.12 -15.74 -20.95
N ASP A 190 2.13 -16.59 -21.22
CA ASP A 190 1.50 -17.38 -20.18
C ASP A 190 2.50 -18.29 -19.46
N LEU A 191 3.59 -18.68 -20.11
CA LEU A 191 4.56 -19.51 -19.42
C LEU A 191 5.34 -18.68 -18.41
N GLN A 192 5.76 -17.48 -18.80
CA GLN A 192 6.49 -16.59 -17.91
C GLN A 192 5.71 -16.37 -16.61
N LEU A 193 4.48 -15.86 -16.76
CA LEU A 193 3.56 -15.63 -15.66
C LEU A 193 3.63 -16.76 -14.67
N THR A 194 3.79 -17.97 -15.19
CA THR A 194 3.88 -19.16 -14.35
C THR A 194 5.23 -19.30 -13.65
N VAL A 195 6.31 -18.90 -14.32
CA VAL A 195 7.64 -18.98 -13.70
C VAL A 195 7.79 -17.91 -12.63
N GLY A 196 7.45 -16.65 -12.95
CA GLY A 196 7.40 -15.63 -11.93
C GLY A 196 6.62 -16.06 -10.70
N ALA A 197 5.46 -16.71 -10.94
CA ALA A 197 4.62 -17.22 -9.85
C ALA A 197 5.38 -18.17 -8.93
N VAL A 198 6.11 -19.13 -9.50
CA VAL A 198 6.88 -20.04 -8.65
C VAL A 198 7.94 -19.26 -7.88
N ILE A 199 8.58 -18.31 -8.54
CA ILE A 199 9.51 -17.43 -7.83
C ILE A 199 8.79 -16.77 -6.65
N VAL A 200 7.60 -16.22 -6.89
CA VAL A 200 6.86 -15.62 -5.79
C VAL A 200 6.49 -16.66 -4.74
N GLU A 201 6.12 -17.87 -5.15
CA GLU A 201 5.92 -18.93 -4.15
C GLU A 201 7.15 -19.00 -3.25
N GLU A 202 8.33 -18.82 -3.84
CA GLU A 202 9.60 -18.92 -3.14
C GLU A 202 9.84 -17.70 -2.26
N MET A 203 9.81 -16.51 -2.84
CA MET A 203 10.07 -15.32 -2.05
C MET A 203 9.05 -15.19 -0.92
N ARG A 204 7.80 -15.60 -1.18
CA ARG A 204 6.83 -15.65 -0.09
C ARG A 204 7.22 -16.68 0.95
N ALA A 205 7.72 -17.84 0.51
CA ALA A 205 8.17 -18.84 1.48
C ALA A 205 9.40 -18.36 2.25
N ALA A 206 10.27 -17.59 1.61
CA ALA A 206 11.43 -17.07 2.29
C ALA A 206 11.03 -16.01 3.33
N ILE A 207 10.09 -15.15 2.98
CA ILE A 207 9.63 -14.11 3.91
C ILE A 207 9.09 -14.76 5.17
N GLU A 208 8.31 -15.83 5.01
CA GLU A 208 7.67 -16.47 6.16
C GLU A 208 8.70 -17.21 7.01
N ARG A 209 9.58 -17.96 6.37
CA ARG A 209 10.63 -18.66 7.10
C ARG A 209 11.49 -17.69 7.89
N GLU A 210 11.83 -16.56 7.31
CA GLU A 210 12.83 -15.69 7.92
C GLU A 210 12.24 -14.60 8.81
N THR A 211 10.96 -14.32 8.72
CA THR A 211 10.34 -13.37 9.63
C THR A 211 9.15 -13.93 10.36
N GLY A 212 8.52 -14.98 9.82
CA GLY A 212 7.27 -15.46 10.34
C GLY A 212 6.04 -14.85 9.72
N PHE A 213 6.21 -13.87 8.83
CA PHE A 213 5.08 -13.14 8.28
C PHE A 213 4.58 -13.79 7.00
N GLN A 214 3.27 -14.02 6.94
CA GLN A 214 2.63 -14.48 5.73
C GLN A 214 2.15 -13.28 4.90
N CYS A 215 1.97 -13.50 3.61
CA CYS A 215 1.57 -12.42 2.73
C CYS A 215 0.85 -12.99 1.52
N SER A 216 0.07 -12.13 0.88
CA SER A 216 -0.58 -12.42 -0.39
C SER A 216 0.13 -11.71 -1.53
N ALA A 217 -0.17 -12.13 -2.74
CA ALA A 217 0.61 -11.72 -3.91
C ALA A 217 -0.25 -11.83 -5.16
N GLY A 218 -0.10 -10.88 -6.07
CA GLY A 218 -0.71 -10.97 -7.39
C GLY A 218 0.36 -10.95 -8.46
N ILE A 219 0.24 -11.85 -9.44
CA ILE A 219 1.23 -11.97 -10.52
C ILE A 219 0.53 -11.77 -11.87
N SER A 220 1.09 -10.86 -12.68
CA SER A 220 0.53 -10.51 -13.97
C SER A 220 1.57 -9.71 -14.76
N HIS A 221 1.13 -8.82 -15.66
CA HIS A 221 2.02 -8.18 -16.63
C HIS A 221 2.26 -6.72 -16.34
N ASN A 222 1.58 -6.16 -15.35
CA ASN A 222 1.81 -4.79 -14.97
C ASN A 222 1.41 -4.61 -13.51
N LYS A 223 1.71 -3.42 -12.98
CA LYS A 223 1.40 -3.10 -11.59
C LYS A 223 -0.11 -3.13 -11.31
N VAL A 224 -0.92 -2.68 -12.27
CA VAL A 224 -2.36 -2.61 -12.00
C VAL A 224 -2.99 -4.00 -11.96
N LEU A 225 -2.65 -4.89 -12.88
CA LEU A 225 -3.26 -6.21 -12.81
C LEU A 225 -2.76 -6.98 -11.60
N ALA A 226 -1.46 -6.87 -11.30
CA ALA A 226 -0.90 -7.49 -10.10
C ALA A 226 -1.65 -7.06 -8.85
N LYS A 227 -1.89 -5.76 -8.68
CA LYS A 227 -2.59 -5.34 -7.47
C LYS A 227 -3.99 -5.98 -7.41
N LEU A 228 -4.71 -5.91 -8.53
CA LEU A 228 -6.05 -6.50 -8.58
C LEU A 228 -5.97 -7.99 -8.36
N ALA A 229 -5.03 -8.64 -9.00
CA ALA A 229 -4.81 -10.07 -8.77
C ALA A 229 -4.58 -10.34 -7.30
N CYS A 230 -3.77 -9.50 -6.66
CA CYS A 230 -3.40 -9.75 -5.28
C CYS A 230 -4.62 -9.75 -4.36
N GLY A 231 -5.70 -9.10 -4.74
CA GLY A 231 -6.84 -9.11 -3.85
C GLY A 231 -7.78 -10.26 -4.04
N LEU A 232 -7.50 -11.17 -4.95
CA LEU A 232 -8.50 -12.14 -5.35
C LEU A 232 -8.64 -13.26 -4.33
N ASN A 233 -7.52 -13.69 -3.75
CA ASN A 233 -7.52 -14.81 -2.83
C ASN A 233 -6.55 -14.47 -1.72
N LYS A 234 -7.10 -13.97 -0.61
CA LYS A 234 -6.38 -13.66 0.60
C LYS A 234 -6.96 -14.50 1.73
N PRO A 235 -6.16 -14.82 2.74
CA PRO A 235 -4.73 -14.57 2.93
C PRO A 235 -3.86 -15.75 2.57
N ASN A 236 -2.54 -15.52 2.63
CA ASN A 236 -1.51 -16.55 2.42
C ASN A 236 -1.66 -17.23 1.07
N ARG A 237 -2.29 -16.57 0.10
CA ARG A 237 -2.47 -17.10 -1.25
C ARG A 237 -1.92 -16.11 -2.25
N GLN A 238 -1.79 -16.57 -3.50
CA GLN A 238 -1.38 -15.69 -4.58
C GLN A 238 -2.20 -16.01 -5.82
N THR A 239 -2.59 -14.98 -6.55
CA THR A 239 -3.38 -15.16 -7.75
C THR A 239 -2.49 -14.82 -8.94
N LEU A 240 -2.57 -15.65 -9.99
CA LEU A 240 -1.99 -15.36 -11.29
C LEU A 240 -3.14 -14.93 -12.18
N VAL A 241 -2.98 -13.78 -12.84
CA VAL A 241 -3.98 -13.25 -13.75
C VAL A 241 -3.31 -13.05 -15.09
N SER A 242 -3.63 -13.91 -16.04
CA SER A 242 -3.03 -13.86 -17.36
C SER A 242 -3.85 -12.96 -18.28
N HIS A 243 -3.20 -12.53 -19.37
CA HIS A 243 -3.86 -11.68 -20.35
C HIS A 243 -5.26 -12.19 -20.68
N GLY A 244 -5.37 -13.47 -21.03
CA GLY A 244 -6.62 -14.02 -21.48
C GLY A 244 -7.72 -14.05 -20.44
N SER A 245 -7.37 -13.91 -19.16
CA SER A 245 -8.40 -13.86 -18.15
C SER A 245 -8.97 -12.47 -17.97
N VAL A 246 -8.39 -11.48 -18.64
CA VAL A 246 -8.80 -10.10 -18.40
C VAL A 246 -10.24 -9.84 -18.81
N PRO A 247 -10.71 -10.28 -19.98
CA PRO A 247 -12.08 -9.90 -20.38
C PRO A 247 -13.15 -10.38 -19.42
N GLN A 248 -13.07 -11.65 -18.98
CA GLN A 248 -14.05 -12.13 -18.01
C GLN A 248 -13.84 -11.46 -16.66
N LEU A 249 -12.59 -11.30 -16.23
CA LEU A 249 -12.33 -10.68 -14.94
C LEU A 249 -12.87 -9.26 -14.90
N PHE A 250 -12.49 -8.45 -15.89
CA PHE A 250 -13.05 -7.12 -16.03
C PHE A 250 -14.53 -7.14 -16.39
N SER A 251 -15.08 -8.29 -16.76
CA SER A 251 -16.43 -8.32 -17.30
C SER A 251 -17.42 -7.69 -16.31
N GLN A 252 -17.27 -8.02 -15.02
CA GLN A 252 -18.11 -7.44 -13.98
C GLN A 252 -17.28 -6.78 -12.89
N MET A 253 -16.06 -6.38 -13.20
CA MET A 253 -15.22 -5.70 -12.23
C MET A 253 -15.66 -4.25 -12.09
N PRO A 254 -16.03 -3.78 -10.90
CA PRO A 254 -16.39 -2.37 -10.74
C PRO A 254 -15.17 -1.50 -11.03
N ILE A 255 -15.44 -0.35 -11.66
CA ILE A 255 -14.37 0.53 -12.09
C ILE A 255 -13.55 1.06 -10.92
N ARG A 256 -14.22 1.35 -9.79
CA ARG A 256 -13.51 1.96 -8.67
C ARG A 256 -12.48 1.03 -8.07
N LYS A 257 -12.50 -0.25 -8.39
CA LYS A 257 -11.56 -1.19 -7.81
C LYS A 257 -10.21 -1.20 -8.51
N ILE A 258 -9.95 -0.28 -9.45
CA ILE A 258 -8.71 -0.25 -10.23
C ILE A 258 -7.87 0.92 -9.77
N ARG A 259 -6.57 0.68 -9.60
CA ARG A 259 -5.74 1.64 -8.89
C ARG A 259 -5.71 2.92 -9.71
N SER A 260 -6.34 3.97 -9.16
CA SER A 260 -6.37 5.36 -9.60
C SER A 260 -7.77 5.74 -10.00
N LEU A 261 -8.62 4.73 -10.21
CA LEU A 261 -10.03 4.97 -10.50
C LEU A 261 -10.89 5.01 -9.24
N GLY A 262 -10.28 4.94 -8.05
CA GLY A 262 -11.04 4.94 -6.82
C GLY A 262 -11.52 6.29 -6.35
N GLY A 263 -11.10 7.37 -6.98
CA GLY A 263 -11.50 8.70 -6.55
C GLY A 263 -12.46 9.37 -7.50
N LYS A 264 -12.28 10.69 -7.71
CA LYS A 264 -13.20 11.47 -8.52
C LYS A 264 -13.17 11.06 -10.00
N LEU A 265 -11.97 10.96 -10.59
CA LEU A 265 -11.84 10.57 -11.98
C LEU A 265 -12.64 9.32 -12.28
N GLY A 266 -12.38 8.24 -11.53
CA GLY A 266 -13.13 7.02 -11.75
C GLY A 266 -14.61 7.21 -11.55
N ALA A 267 -14.99 8.06 -10.59
CA ALA A 267 -16.41 8.32 -10.34
C ALA A 267 -17.09 8.85 -11.58
N SER A 268 -16.44 9.76 -12.30
CA SER A 268 -17.08 10.43 -13.41
C SER A 268 -17.04 9.57 -14.67
N VAL A 269 -16.04 8.69 -14.82
CA VAL A 269 -16.15 7.67 -15.87
C VAL A 269 -17.47 6.93 -15.75
N ILE A 270 -17.85 6.57 -14.52
CA ILE A 270 -19.17 6.01 -14.26
C ILE A 270 -20.25 7.04 -14.60
N GLU A 271 -20.05 8.30 -14.20
CA GLU A 271 -21.10 9.32 -14.38
C GLU A 271 -21.30 9.67 -15.85
N ILE A 272 -20.23 10.14 -16.49
CA ILE A 272 -20.30 10.59 -17.87
C ILE A 272 -20.72 9.47 -18.79
N LEU A 273 -20.06 8.32 -18.68
CA LEU A 273 -20.26 7.23 -19.63
C LEU A 273 -21.42 6.31 -19.27
N GLY A 274 -21.98 6.43 -18.07
CA GLY A 274 -23.15 5.64 -17.74
C GLY A 274 -22.94 4.14 -17.59
N ILE A 275 -21.70 3.70 -17.36
CA ILE A 275 -21.38 2.29 -17.15
C ILE A 275 -21.21 2.00 -15.67
N GLU A 276 -20.69 0.82 -15.32
CA GLU A 276 -20.43 0.47 -13.93
C GLU A 276 -19.30 -0.53 -13.74
N TYR A 277 -18.82 -1.13 -14.83
CA TYR A 277 -17.83 -2.21 -14.80
C TYR A 277 -16.71 -1.95 -15.79
N MET A 278 -15.55 -2.53 -15.47
CA MET A 278 -14.34 -2.12 -16.17
C MET A 278 -14.35 -2.53 -17.63
N GLY A 279 -14.98 -3.66 -17.97
CA GLY A 279 -14.96 -4.12 -19.35
C GLY A 279 -15.63 -3.15 -20.29
N GLU A 280 -16.69 -2.47 -19.84
CA GLU A 280 -17.42 -1.51 -20.63
C GLU A 280 -16.54 -0.39 -21.18
N LEU A 281 -15.32 -0.22 -20.70
CA LEU A 281 -14.47 0.82 -21.27
C LEU A 281 -13.89 0.44 -22.62
N THR A 282 -14.10 -0.80 -23.06
CA THR A 282 -13.52 -1.24 -24.32
C THR A 282 -14.12 -0.51 -25.50
N GLN A 283 -15.44 -0.27 -25.45
CA GLN A 283 -16.21 0.10 -26.62
C GLN A 283 -15.90 1.50 -27.13
N PHE A 284 -14.95 2.22 -26.54
CA PHE A 284 -14.73 3.62 -26.86
C PHE A 284 -13.40 3.78 -27.56
N THR A 285 -13.35 4.69 -28.52
CA THR A 285 -12.06 4.90 -29.13
C THR A 285 -11.19 5.77 -28.23
N GLU A 286 -9.88 5.64 -28.43
CA GLU A 286 -8.95 6.41 -27.63
C GLU A 286 -9.23 7.91 -27.74
N SER A 287 -9.52 8.38 -28.95
CA SER A 287 -9.84 9.81 -29.06
C SER A 287 -11.14 10.12 -28.32
N GLN A 288 -12.14 9.24 -28.39
CA GLN A 288 -13.33 9.41 -27.56
C GLN A 288 -12.93 9.61 -26.11
N LEU A 289 -12.02 8.76 -25.63
CA LEU A 289 -11.69 8.79 -24.20
C LEU A 289 -10.84 10.00 -23.86
N GLN A 290 -9.75 10.23 -24.61
CA GLN A 290 -8.96 11.44 -24.41
C GLN A 290 -9.88 12.66 -24.36
N SER A 291 -10.95 12.64 -25.16
CA SER A 291 -11.85 13.79 -25.22
CA SER A 291 -11.84 13.80 -25.20
C SER A 291 -12.67 13.92 -23.94
N HIS A 292 -12.98 12.82 -23.26
CA HIS A 292 -13.77 12.89 -22.04
C HIS A 292 -12.93 13.18 -20.81
N PHE A 293 -11.68 12.70 -20.79
CA PHE A 293 -10.85 12.70 -19.59
C PHE A 293 -9.44 13.21 -19.81
N GLY A 294 -9.09 13.67 -21.00
CA GLY A 294 -7.78 14.22 -21.20
C GLY A 294 -6.89 13.30 -22.03
N GLU A 295 -5.87 13.89 -22.63
CA GLU A 295 -4.92 13.15 -23.46
C GLU A 295 -4.38 11.92 -22.73
N LYS A 296 -3.78 12.13 -21.55
CA LYS A 296 -3.11 11.03 -20.86
C LYS A 296 -4.11 10.08 -20.22
N ASN A 297 -5.31 10.57 -19.87
CA ASN A 297 -6.34 9.72 -19.26
C ASN A 297 -7.00 8.81 -20.28
N GLY A 298 -7.51 9.38 -21.35
CA GLY A 298 -8.14 8.53 -22.36
C GLY A 298 -7.19 7.50 -22.92
N SER A 299 -5.90 7.81 -22.95
CA SER A 299 -4.88 6.86 -23.38
C SER A 299 -4.76 5.73 -22.37
N TRP A 300 -4.30 6.06 -21.17
CA TRP A 300 -4.17 5.07 -20.10
C TRP A 300 -5.46 4.30 -19.89
N LEU A 301 -6.62 4.97 -20.03
CA LEU A 301 -7.90 4.29 -19.85
C LEU A 301 -8.11 3.26 -20.96
N TYR A 302 -7.86 3.66 -22.19
CA TYR A 302 -8.15 2.79 -23.32
C TYR A 302 -7.29 1.54 -23.28
N ALA A 303 -6.02 1.70 -22.88
CA ALA A 303 -5.16 0.53 -22.73
C ALA A 303 -5.52 -0.29 -21.49
N MET A 304 -6.06 0.35 -20.44
CA MET A 304 -6.29 -0.38 -19.21
C MET A 304 -7.43 -1.37 -19.35
N CYS A 305 -8.56 -0.93 -19.90
CA CYS A 305 -9.70 -1.85 -20.07
C CYS A 305 -9.36 -3.01 -21.00
N ARG A 306 -8.30 -2.87 -21.77
CA ARG A 306 -7.74 -3.99 -22.49
C ARG A 306 -6.65 -4.71 -21.69
N GLY A 307 -6.53 -4.42 -20.41
CA GLY A 307 -5.54 -5.10 -19.61
C GLY A 307 -4.11 -4.73 -19.92
N ILE A 308 -3.88 -3.60 -20.61
CA ILE A 308 -2.54 -3.12 -20.95
C ILE A 308 -2.25 -1.86 -20.15
N GLU A 309 -1.06 -1.80 -19.57
CA GLU A 309 -0.64 -0.65 -18.78
C GLU A 309 0.87 -0.71 -18.64
N HIS A 310 1.50 0.44 -18.55
CA HIS A 310 2.96 0.41 -18.67
C HIS A 310 3.70 1.29 -17.67
N ASP A 311 3.04 1.83 -16.64
CA ASP A 311 3.79 2.41 -15.54
C ASP A 311 4.83 1.40 -15.04
N PRO A 312 6.10 1.79 -14.92
CA PRO A 312 7.13 0.81 -14.61
C PRO A 312 7.32 0.57 -13.12
N VAL A 313 7.94 -0.56 -12.84
CA VAL A 313 8.34 -0.89 -11.48
C VAL A 313 9.56 -0.02 -11.21
N LYS A 314 9.33 1.22 -10.81
CA LYS A 314 10.45 2.08 -10.47
C LYS A 314 11.25 1.40 -9.37
N PRO A 315 12.53 1.28 -9.51
CA PRO A 315 13.31 0.68 -8.44
C PRO A 315 13.59 1.75 -7.41
N ARG A 316 12.98 1.61 -6.24
CA ARG A 316 12.99 2.60 -5.17
C ARG A 316 12.33 1.95 -3.97
N GLN A 317 13.15 1.23 -3.20
CA GLN A 317 12.76 0.46 -2.02
C GLN A 317 12.69 1.33 -0.77
N LEU A 318 13.01 2.62 -0.88
CA LEU A 318 12.98 3.62 0.17
C LEU A 318 12.05 4.76 -0.24
N PRO A 319 11.41 5.42 0.73
CA PRO A 319 10.61 6.61 0.41
C PRO A 319 11.48 7.78 -0.05
N LYS A 320 10.81 8.84 -0.49
CA LYS A 320 11.45 10.05 -1.00
C LYS A 320 11.22 11.27 -0.11
N THR A 321 10.26 11.19 0.81
CA THR A 321 10.03 12.23 1.80
C THR A 321 9.88 11.55 3.16
N ILE A 322 10.27 12.27 4.21
CA ILE A 322 10.07 11.79 5.57
C ILE A 322 9.21 12.79 6.31
N GLY A 323 8.08 12.31 6.81
CA GLY A 323 7.05 13.18 7.30
C GLY A 323 6.56 12.78 8.67
N CYS A 324 6.26 13.80 9.46
CA CYS A 324 5.73 13.65 10.81
CA CYS A 324 5.72 13.65 10.81
C CYS A 324 4.55 14.61 10.95
N SER A 325 3.38 14.06 11.16
CA SER A 325 2.18 14.86 11.30
C SER A 325 1.48 14.50 12.60
N LYS A 326 0.53 15.34 12.98
CA LYS A 326 -0.29 15.07 14.14
C LYS A 326 -1.60 15.79 13.96
N ASN A 327 -2.69 15.10 14.21
CA ASN A 327 -4.01 15.69 14.05
C ASN A 327 -4.58 16.05 15.43
N PHE A 328 -5.26 17.19 15.48
CA PHE A 328 -5.91 17.71 16.68
C PHE A 328 -7.40 17.90 16.38
N PRO A 329 -8.14 16.81 16.32
CA PRO A 329 -9.55 16.89 15.92
C PRO A 329 -10.44 17.42 17.04
N GLY A 330 -11.52 18.06 16.62
CA GLY A 330 -12.54 18.54 17.56
C GLY A 330 -11.96 19.51 18.57
N LYS A 331 -12.42 19.37 19.81
CA LYS A 331 -12.04 20.23 20.94
C LYS A 331 -10.56 20.20 21.27
N THR A 332 -9.76 19.36 20.61
CA THR A 332 -8.33 19.29 20.90
C THR A 332 -7.51 20.23 20.05
N ALA A 333 -8.13 20.93 19.10
CA ALA A 333 -7.41 21.85 18.22
C ALA A 333 -6.58 22.83 19.03
N LEU A 334 -5.38 23.13 18.55
CA LEU A 334 -4.50 24.02 19.26
C LEU A 334 -4.96 25.46 19.04
N ALA A 335 -5.00 26.24 20.12
CA ALA A 335 -5.45 27.63 20.03
C ALA A 335 -4.57 28.58 20.83
N THR A 336 -3.33 28.22 21.13
CA THR A 336 -2.44 29.09 21.88
C THR A 336 -1.06 29.02 21.25
N ARG A 337 -0.32 30.12 21.36
CA ARG A 337 1.08 30.10 20.95
C ARG A 337 1.83 28.98 21.63
N GLU A 338 1.65 28.83 22.94
CA GLU A 338 2.39 27.83 23.68
C GLU A 338 2.07 26.42 23.23
N GLN A 339 0.83 26.16 22.82
CA GLN A 339 0.48 24.85 22.31
C GLN A 339 1.17 24.58 20.98
N VAL A 340 1.06 25.52 20.04
CA VAL A 340 1.62 25.31 18.72
C VAL A 340 3.12 25.07 18.81
N GLN A 341 3.82 25.86 19.60
CA GLN A 341 5.26 25.71 19.70
C GLN A 341 5.64 24.35 20.28
N TRP A 342 4.84 23.85 21.25
CA TRP A 342 5.19 22.60 21.93
C TRP A 342 5.10 21.41 21.00
N TRP A 343 4.06 21.36 20.17
CA TRP A 343 3.90 20.27 19.22
C TRP A 343 4.91 20.37 18.08
N LEU A 344 5.11 21.58 17.54
CA LEU A 344 6.16 21.74 16.55
C LEU A 344 7.47 21.18 17.05
N LEU A 345 7.69 21.22 18.36
CA LEU A 345 8.92 20.67 18.88
C LEU A 345 8.80 19.17 19.08
N GLN A 346 7.62 18.71 19.49
CA GLN A 346 7.44 17.26 19.63
C GLN A 346 7.58 16.59 18.28
N LEU A 347 6.96 17.16 17.24
CA LEU A 347 7.11 16.62 15.88
C LEU A 347 8.53 16.76 15.38
N ALA A 348 9.14 17.92 15.60
CA ALA A 348 10.53 18.10 15.19
C ALA A 348 11.42 17.04 15.78
N GLN A 349 11.10 16.58 16.98
CA GLN A 349 11.97 15.65 17.70
C GLN A 349 11.95 14.25 17.11
N GLU A 350 10.75 13.68 16.91
CA GLU A 350 10.69 12.40 16.21
C GLU A 350 11.25 12.53 14.81
N LEU A 351 11.09 13.71 14.21
CA LEU A 351 11.58 13.93 12.86
C LEU A 351 13.09 13.78 12.80
N GLU A 352 13.83 14.46 13.70
CA GLU A 352 15.28 14.32 13.70
C GLU A 352 15.71 12.89 14.05
N GLU A 353 14.94 12.22 14.90
CA GLU A 353 15.22 10.82 15.22
C GLU A 353 15.08 9.93 13.99
N ARG A 354 14.05 10.15 13.16
CA ARG A 354 13.94 9.45 11.89
C ARG A 354 15.00 9.93 10.91
N LEU A 355 15.24 11.23 10.90
CA LEU A 355 16.18 11.83 9.97
C LEU A 355 17.59 11.33 10.23
N THR A 356 18.06 11.43 11.47
CA THR A 356 19.39 10.93 11.79
C THR A 356 19.53 9.46 11.37
N LYS A 357 18.56 8.63 11.73
CA LYS A 357 18.62 7.22 11.34
C LYS A 357 18.65 7.07 9.84
N ASP A 358 18.08 8.02 9.10
CA ASP A 358 18.18 7.93 7.66
C ASP A 358 19.56 8.32 7.19
N ARG A 359 20.19 9.31 7.83
CA ARG A 359 21.50 9.75 7.34
C ARG A 359 22.53 8.63 7.46
N ASN A 360 22.42 7.79 8.47
CA ASN A 360 23.37 6.70 8.68
C ASN A 360 22.96 5.36 8.06
N ASP A 361 21.66 5.10 7.87
CA ASP A 361 21.23 3.84 7.28
C ASP A 361 21.30 3.89 5.77
N ASN A 362 20.63 4.87 5.17
CA ASN A 362 20.42 4.95 3.74
C ASN A 362 21.34 5.97 3.09
N ASP A 363 22.26 6.55 3.86
CA ASP A 363 23.32 7.43 3.35
C ASP A 363 22.75 8.53 2.45
N ARG A 364 22.06 9.48 3.09
CA ARG A 364 21.56 10.68 2.40
C ARG A 364 21.05 11.67 3.45
N VAL A 365 20.56 12.81 2.95
CA VAL A 365 20.31 13.99 3.77
C VAL A 365 19.21 14.84 3.14
N ALA A 366 18.19 15.20 3.93
CA ALA A 366 17.16 16.10 3.44
C ALA A 366 17.63 17.55 3.52
N THR A 367 17.16 18.35 2.57
CA THR A 367 17.68 19.70 2.43
C THR A 367 16.62 20.79 2.50
N GLN A 368 15.34 20.45 2.34
CA GLN A 368 14.25 21.39 2.51
C GLN A 368 13.23 20.84 3.49
N LEU A 369 12.69 21.71 4.34
CA LEU A 369 11.64 21.39 5.30
C LEU A 369 10.32 21.98 4.82
N VAL A 370 9.29 21.16 4.76
CA VAL A 370 7.96 21.63 4.39
C VAL A 370 7.10 21.64 5.65
N VAL A 371 6.44 22.76 5.89
CA VAL A 371 5.55 22.95 7.03
C VAL A 371 4.14 23.14 6.49
N SER A 372 3.19 22.40 7.05
CA SER A 372 1.80 22.46 6.65
C SER A 372 0.93 22.55 7.88
N ILE A 373 -0.21 23.22 7.76
CA ILE A 373 -1.20 23.27 8.84
C ILE A 373 -2.57 23.10 8.22
N ARG A 374 -3.58 23.04 9.09
CA ARG A 374 -4.97 22.90 8.68
C ARG A 374 -5.82 23.43 9.81
N VAL A 375 -6.79 24.28 9.48
CA VAL A 375 -7.53 25.02 10.48
C VAL A 375 -8.92 24.41 10.63
N GLN A 376 -9.55 24.70 11.76
CA GLN A 376 -10.93 24.32 11.97
C GLN A 376 -11.81 24.83 10.85
N GLY A 377 -12.60 23.92 10.29
CA GLY A 377 -13.48 24.28 9.20
C GLY A 377 -13.01 23.75 7.85
N ASP A 378 -11.97 24.38 7.29
CA ASP A 378 -11.47 24.04 5.96
C ASP A 378 -11.40 22.53 5.76
N LYS A 379 -12.20 22.03 4.82
CA LYS A 379 -12.30 20.59 4.59
C LYS A 379 -11.10 20.04 3.82
N ARG A 380 -10.33 20.89 3.16
CA ARG A 380 -9.07 20.46 2.56
C ARG A 380 -8.14 19.88 3.63
N LEU A 381 -7.54 18.72 3.34
CA LEU A 381 -6.60 18.09 4.27
C LEU A 381 -5.49 19.06 4.68
N SER A 382 -5.16 20.03 3.83
CA SER A 382 -4.12 21.02 4.10
C SER A 382 -4.62 22.39 3.72
N SER A 383 -4.65 23.31 4.69
CA SER A 383 -4.97 24.69 4.39
C SER A 383 -3.76 25.46 3.87
N LEU A 384 -2.58 25.24 4.45
CA LEU A 384 -1.35 25.93 4.09
C LEU A 384 -0.24 24.91 3.83
N ARG A 385 0.83 25.38 3.19
CA ARG A 385 1.98 24.54 2.86
C ARG A 385 3.11 25.45 2.43
N ARG A 386 4.19 25.49 3.21
CA ARG A 386 5.31 26.40 2.93
C ARG A 386 6.65 25.70 3.09
N CYS A 387 7.54 25.97 2.15
CA CYS A 387 8.87 25.37 2.08
C CYS A 387 9.91 26.32 2.67
N CYS A 388 10.67 25.85 3.66
CA CYS A 388 11.83 26.59 4.15
C CYS A 388 13.03 25.65 4.13
N ALA A 389 14.22 26.21 4.35
CA ALA A 389 15.46 25.42 4.24
C ALA A 389 15.68 24.55 5.48
N LEU A 390 16.39 23.44 5.29
CA LEU A 390 16.72 22.50 6.37
C LEU A 390 18.22 22.18 6.33
N THR A 391 18.95 22.60 7.36
CA THR A 391 20.41 22.61 7.34
C THR A 391 21.02 21.59 8.28
N ARG A 392 20.78 21.69 9.59
CA ARG A 392 21.21 20.69 10.54
C ARG A 392 19.99 19.92 11.05
N TYR A 393 20.16 18.63 11.32
CA TYR A 393 19.05 17.83 11.85
C TYR A 393 18.77 18.14 13.31
N ASP A 394 18.56 19.42 13.63
CA ASP A 394 18.36 19.88 15.01
C ASP A 394 16.88 20.12 15.25
N ALA A 395 16.31 19.39 16.22
CA ALA A 395 14.89 19.53 16.53
C ALA A 395 14.49 20.97 16.84
N HIS A 396 15.32 21.68 17.62
CA HIS A 396 14.91 23.02 18.03
C HIS A 396 14.98 24.01 16.87
N LYS A 397 16.03 23.91 16.05
CA LYS A 397 16.10 24.75 14.86
C LYS A 397 14.87 24.54 14.00
N MET A 398 14.45 23.28 13.83
CA MET A 398 13.34 23.00 12.92
C MET A 398 12.03 23.51 13.47
N SER A 399 11.79 23.32 14.77
CA SER A 399 10.61 23.89 15.42
C SER A 399 10.55 25.39 15.21
N HIS A 400 11.63 26.11 15.59
CA HIS A 400 11.63 27.57 15.46
C HIS A 400 11.38 27.98 14.01
N ASP A 401 12.08 27.35 13.07
CA ASP A 401 11.90 27.70 11.67
C ASP A 401 10.52 27.33 11.17
N ALA A 402 9.93 26.27 11.70
CA ALA A 402 8.55 25.98 11.35
C ALA A 402 7.64 27.10 11.86
N PHE A 403 7.84 27.50 13.11
CA PHE A 403 7.00 28.55 13.68
C PHE A 403 7.14 29.85 12.90
N THR A 404 8.40 30.26 12.64
CA THR A 404 8.74 31.36 11.74
C THR A 404 7.82 31.44 10.54
N VAL A 405 7.91 30.42 9.66
CA VAL A 405 7.21 30.44 8.38
C VAL A 405 5.72 30.18 8.50
N ILE A 406 5.16 30.09 9.71
CA ILE A 406 3.71 30.04 9.87
C ILE A 406 3.20 31.01 10.91
N LYS A 407 4.08 31.81 11.52
CA LYS A 407 3.63 32.81 12.50
C LYS A 407 2.71 33.84 11.86
N ASN A 408 2.88 34.11 10.57
CA ASN A 408 2.09 35.10 9.86
C ASN A 408 0.68 34.62 9.54
N CYS A 409 0.17 33.62 10.25
CA CYS A 409 -1.19 33.13 10.00
C CYS A 409 -1.99 32.94 11.29
N ASN A 410 -1.47 33.41 12.43
CA ASN A 410 -2.24 33.56 13.67
C ASN A 410 -2.97 34.89 13.59
N THR A 411 -4.21 34.86 13.10
CA THR A 411 -4.98 36.08 12.85
C THR A 411 -5.70 36.58 14.10
N SER A 412 -5.09 36.48 15.28
CA SER A 412 -5.61 37.10 16.49
C SER A 412 -4.55 38.04 17.05
N GLY A 413 -4.94 39.30 17.30
CA GLY A 413 -4.01 40.24 17.89
C GLY A 413 -3.37 39.73 19.16
N ILE A 414 -4.17 39.11 20.03
CA ILE A 414 -3.67 38.49 21.25
C ILE A 414 -2.67 37.38 20.91
N GLN A 415 -1.37 37.65 21.15
CA GLN A 415 -0.34 36.69 20.78
C GLN A 415 -0.30 35.48 21.70
N THR A 416 -0.92 35.57 22.88
CA THR A 416 -1.01 34.41 23.77
C THR A 416 -1.80 33.29 23.10
N GLU A 417 -2.94 33.63 22.50
CA GLU A 417 -3.83 32.67 21.86
C GLU A 417 -3.68 32.71 20.33
N TRP A 418 -4.21 31.68 19.68
CA TRP A 418 -4.03 31.41 18.26
C TRP A 418 -5.38 31.15 17.62
N SER A 419 -5.73 31.95 16.60
CA SER A 419 -6.93 31.70 15.82
C SER A 419 -6.60 31.84 14.34
N PRO A 420 -7.21 31.03 13.47
CA PRO A 420 -8.18 29.97 13.77
C PRO A 420 -7.47 28.82 14.47
N PRO A 421 -8.20 27.97 15.19
CA PRO A 421 -7.55 26.82 15.82
C PRO A 421 -6.98 25.89 14.76
N LEU A 422 -5.77 25.41 15.01
CA LEU A 422 -5.10 24.50 14.10
C LEU A 422 -5.51 23.07 14.41
N THR A 423 -5.99 22.36 13.40
CA THR A 423 -6.38 20.97 13.55
C THR A 423 -5.34 20.02 12.97
N MET A 424 -4.21 20.54 12.52
CA MET A 424 -3.18 19.67 12.00
C MET A 424 -1.86 20.42 11.96
N LEU A 425 -0.79 19.70 12.30
CA LEU A 425 0.57 20.16 12.07
C LEU A 425 1.30 19.09 11.28
N PHE A 426 1.90 19.47 10.15
CA PHE A 426 2.67 18.56 9.31
C PHE A 426 4.07 19.13 9.17
N LEU A 427 5.06 18.29 9.42
CA LEU A 427 6.47 18.60 9.14
C LEU A 427 6.98 17.47 8.27
N CYS A 428 7.39 17.80 7.04
CA CYS A 428 7.84 16.81 6.08
C CYS A 428 9.24 17.17 5.58
N ALA A 429 10.13 16.19 5.57
CA ALA A 429 11.47 16.35 5.04
C ALA A 429 11.55 15.79 3.62
N THR A 430 12.04 16.63 2.69
CA THR A 430 12.13 16.34 1.26
C THR A 430 13.50 16.71 0.72
N LYS A 431 13.64 16.69 -0.61
CA LYS A 431 14.84 17.16 -1.31
C LYS A 431 16.11 16.49 -0.76
N PHE A 432 16.13 15.17 -0.83
CA PHE A 432 17.30 14.41 -0.41
C PHE A 432 18.43 14.53 -1.41
N SER A 433 19.65 14.30 -0.92
CA SER A 433 20.85 14.26 -1.74
C SER A 433 21.90 13.39 -1.07
N ALA A 434 22.99 13.15 -1.80
CA ALA A 434 24.02 12.19 -1.38
C ALA A 434 24.67 12.55 -0.05
N SER A 435 25.22 11.54 0.62
CA SER A 435 25.90 11.73 1.91
C SER A 435 26.91 10.61 2.23
#